data_1MH0
#
_entry.id   1MH0
#
_cell.length_a   60.530
_cell.length_b   72.890
_cell.length_c   161.490
_cell.angle_alpha   90.00
_cell.angle_beta   90.00
_cell.angle_gamma   90.00
#
_symmetry.space_group_name_H-M   'P 21 21 21'
#
loop_
_entity.id
_entity.type
_entity.pdbx_description
1 polymer Prothrombin
2 non-polymer 2-acetamido-2-deoxy-beta-D-glucopyranose
3 water water
#
_entity_poly.entity_id   1
_entity_poly.type   'polypeptide(L)'
_entity_poly.pdbx_seq_one_letter_code
;ADCGLRPLFEKKSLEDKTERELLESYIDGRIVEGSDAEIGMSPWQVMLFRKSPQELLCGASLISDRWVLTAAHCLLYPPW
DKNFTENDLLVRIGKHSRTRYEANIEKISMLEKIYIHPRYNWRENLDRDIALMKLKKPVAFSDYIHPVCLPDRETAASLL
QAGYKGRVTGWGNLKETWTANVGKGQPSVLQVVNLPIVERPVCKDSTRIRITDNMFCAGYKPDEGKRGDACEGDSGGPFV
MKSPFNNRWYQMGIVSWGEGCDRDGKYGFYTHVFRLKKWIQKVIDQF
;
_entity_poly.pdbx_strand_id   A,B
#
# COMPACT_ATOMS: atom_id res chain seq x y z
N ALA A 1 -3.47 30.47 -8.07
CA ALA A 1 -3.67 31.77 -7.35
C ALA A 1 -2.52 32.02 -6.39
N ASP A 2 -2.44 31.22 -5.34
CA ASP A 2 -1.35 31.34 -4.39
C ASP A 2 -0.40 30.21 -4.83
N CYS A 3 -0.66 29.74 -6.06
CA CYS A 3 0.10 28.66 -6.67
C CYS A 3 1.60 28.93 -6.73
N GLY A 4 2.37 27.86 -6.88
CA GLY A 4 3.82 27.96 -6.98
C GLY A 4 4.64 28.41 -5.81
N LEU A 5 4.00 28.87 -4.73
CA LEU A 5 4.75 29.34 -3.57
C LEU A 5 4.75 28.36 -2.40
N ARG A 6 5.82 27.56 -2.31
CA ARG A 6 5.96 26.53 -1.25
C ARG A 6 5.96 27.05 0.19
N PRO A 7 5.15 26.41 1.06
CA PRO A 7 5.07 26.79 2.47
C PRO A 7 6.42 26.70 3.21
N LEU A 8 7.08 25.55 3.17
CA LEU A 8 8.36 25.41 3.86
C LEU A 8 9.57 26.01 3.13
N PHE A 9 9.37 26.87 2.12
CA PHE A 9 10.49 27.48 1.38
C PHE A 9 10.23 28.95 1.06
N GLU A 10 9.63 29.23 -0.08
CA GLU A 10 9.35 30.62 -0.46
C GLU A 10 8.66 31.36 0.69
N LYS A 11 7.53 30.84 1.16
CA LYS A 11 6.80 31.48 2.27
C LYS A 11 7.71 31.76 3.47
N LYS A 12 8.70 30.90 3.66
CA LYS A 12 9.63 31.02 4.77
C LYS A 12 10.97 31.56 4.28
N SER A 13 10.94 32.19 3.11
CA SER A 13 12.12 32.78 2.52
C SER A 13 13.34 31.85 2.60
N LEU A 14 13.17 30.61 2.14
CA LEU A 14 14.24 29.64 2.15
C LEU A 14 14.40 28.99 0.79
N GLU A 15 15.55 28.36 0.56
CA GLU A 15 15.81 27.71 -0.70
C GLU A 15 16.29 26.28 -0.49
N ASP A 16 15.97 25.40 -1.43
CA ASP A 16 16.39 24.01 -1.33
C ASP A 16 17.80 23.85 -1.92
N LYS A 17 18.48 22.77 -1.54
CA LYS A 17 19.85 22.54 -2.00
C LYS A 17 20.12 22.56 -3.49
N THR A 18 19.10 22.34 -4.32
CA THR A 18 19.31 22.35 -5.78
C THR A 18 18.62 23.49 -6.55
N GLU A 19 17.94 24.36 -5.83
CA GLU A 19 17.22 25.47 -6.44
C GLU A 19 18.05 26.33 -7.40
N ARG A 20 19.17 26.85 -6.91
CA ARG A 20 20.04 27.69 -7.73
C ARG A 20 20.62 26.98 -8.96
N GLU A 21 20.71 25.65 -8.91
CA GLU A 21 21.26 24.90 -10.04
C GLU A 21 20.36 25.22 -11.22
N LEU A 22 19.11 25.50 -10.92
CA LEU A 22 18.13 25.83 -11.94
C LEU A 22 18.30 27.27 -12.39
N LEU A 23 18.19 28.20 -11.45
CA LEU A 23 18.33 29.62 -11.76
C LEU A 23 19.59 29.84 -12.59
N GLU A 24 20.74 29.47 -12.05
CA GLU A 24 22.00 29.66 -12.76
C GLU A 24 22.02 29.02 -14.14
N SER A 25 20.94 28.37 -14.55
CA SER A 25 20.92 27.75 -15.87
C SER A 25 20.04 28.52 -16.83
N TYR A 26 19.38 29.56 -16.34
CA TYR A 26 18.51 30.37 -17.19
C TYR A 26 19.44 31.42 -17.79
N ILE A 27 20.19 30.95 -18.78
CA ILE A 27 21.19 31.70 -19.53
C ILE A 27 22.42 31.93 -18.64
N ILE A 31 13.26 7.69 -10.82
CA ILE A 31 14.25 8.79 -10.87
C ILE A 31 15.68 8.23 -10.72
N VAL A 32 16.36 8.06 -11.85
CA VAL A 32 17.73 7.54 -11.84
C VAL A 32 18.73 8.68 -11.63
N GLU A 33 19.70 8.46 -10.75
CA GLU A 33 20.72 9.46 -10.45
C GLU A 33 20.14 10.74 -9.89
N GLY A 34 19.20 10.61 -8.96
CA GLY A 34 18.63 11.78 -8.35
C GLY A 34 19.12 11.92 -6.93
N SER A 35 18.23 12.36 -6.05
CA SER A 35 18.57 12.54 -4.66
C SER A 35 17.30 12.65 -3.84
N ASP A 36 17.40 12.33 -2.56
CA ASP A 36 16.23 12.40 -1.71
C ASP A 36 15.74 13.84 -1.68
N ALA A 37 14.52 14.06 -2.14
CA ALA A 37 13.95 15.40 -2.11
C ALA A 37 13.98 15.79 -0.65
N GLU A 38 13.74 17.05 -0.34
CA GLU A 38 13.73 17.52 1.04
C GLU A 38 12.26 17.73 1.41
N ILE A 39 11.92 17.60 2.69
CA ILE A 39 10.53 17.76 3.13
C ILE A 39 9.83 18.98 2.57
N GLY A 40 8.66 18.74 1.98
CA GLY A 40 7.87 19.81 1.41
C GLY A 40 8.56 20.60 0.31
N MET A 41 9.53 20.02 -0.39
CA MET A 41 10.18 20.77 -1.46
C MET A 41 9.44 20.55 -2.78
N SER A 42 8.48 19.62 -2.76
CA SER A 42 7.66 19.32 -3.92
C SER A 42 6.25 19.06 -3.38
N PRO A 43 5.68 20.06 -2.68
CA PRO A 43 4.34 19.96 -2.09
C PRO A 43 3.21 19.55 -3.00
N TRP A 44 3.34 19.88 -4.28
CA TRP A 44 2.28 19.58 -5.24
C TRP A 44 2.34 18.15 -5.78
N GLN A 45 3.45 17.47 -5.52
CA GLN A 45 3.65 16.09 -5.97
C GLN A 45 2.47 15.20 -5.57
N VAL A 46 2.10 14.25 -6.42
CA VAL A 46 0.99 13.37 -6.10
C VAL A 46 1.34 11.95 -6.48
N MET A 47 0.60 11.00 -5.92
CA MET A 47 0.82 9.60 -6.19
C MET A 47 -0.47 8.93 -6.64
N LEU A 48 -0.46 8.37 -7.84
CA LEU A 48 -1.63 7.66 -8.34
C LEU A 48 -1.46 6.29 -7.71
N PHE A 49 -2.46 5.90 -6.94
CA PHE A 49 -2.42 4.62 -6.24
C PHE A 49 -3.56 3.75 -6.74
N ARG A 50 -3.31 2.44 -6.86
CA ARG A 50 -4.33 1.51 -7.30
C ARG A 50 -4.96 0.84 -6.09
N LYS A 51 -6.28 0.92 -5.97
CA LYS A 51 -6.99 0.34 -4.82
C LYS A 51 -6.72 -1.16 -4.58
N SER A 52 -7.10 -1.99 -5.54
CA SER A 52 -6.91 -3.43 -5.40
C SER A 52 -6.44 -4.01 -6.72
N PRO A 53 -5.23 -4.61 -6.73
CA PRO A 53 -4.36 -4.72 -5.56
C PRO A 53 -3.77 -3.36 -5.20
N GLN A 54 -3.29 -3.21 -3.98
CA GLN A 54 -2.70 -1.94 -3.58
C GLN A 54 -1.37 -1.83 -4.28
N GLU A 55 -1.19 -0.72 -5.02
CA GLU A 55 0.04 -0.53 -5.77
C GLU A 55 0.17 0.87 -6.38
N LEU A 56 1.40 1.39 -6.40
CA LEU A 56 1.67 2.69 -6.98
C LEU A 56 1.84 2.49 -8.47
N LEU A 57 1.10 3.27 -9.23
CA LEU A 57 1.14 3.15 -10.68
C LEU A 57 1.57 4.39 -11.44
N CYS A 58 1.68 5.53 -10.75
CA CYS A 58 2.09 6.75 -11.42
C CYS A 58 2.28 7.95 -10.51
N GLY A 59 2.80 9.02 -11.10
CA GLY A 59 2.99 10.25 -10.37
C GLY A 59 1.98 11.22 -10.95
N ALA A 60 1.73 12.32 -10.26
CA ALA A 60 0.78 13.31 -10.72
C ALA A 60 1.04 14.63 -10.01
N SER A 61 0.16 15.61 -10.18
CA SER A 61 0.36 16.89 -9.52
C SER A 61 -0.92 17.66 -9.20
N LEU A 62 -0.94 18.17 -7.98
CA LEU A 62 -2.06 18.95 -7.48
C LEU A 62 -1.95 20.33 -8.08
N ILE A 63 -2.91 20.75 -8.91
CA ILE A 63 -2.85 22.08 -9.49
C ILE A 63 -4.01 22.93 -8.98
N SER A 64 -4.62 22.46 -7.91
CA SER A 64 -5.75 23.13 -7.28
C SER A 64 -6.41 22.17 -6.33
N ASP A 65 -6.92 22.69 -5.22
CA ASP A 65 -7.59 21.87 -4.21
C ASP A 65 -8.56 20.84 -4.76
N ARG A 66 -8.98 21.01 -6.02
CA ARG A 66 -9.93 20.10 -6.66
C ARG A 66 -9.49 19.44 -7.98
N TRP A 67 -8.25 19.66 -8.42
CA TRP A 67 -7.83 19.06 -9.68
C TRP A 67 -6.42 18.51 -9.69
N VAL A 68 -6.28 17.36 -10.33
CA VAL A 68 -5.00 16.69 -10.44
C VAL A 68 -4.59 16.54 -11.91
N LEU A 69 -3.29 16.59 -12.14
CA LEU A 69 -2.76 16.47 -13.48
C LEU A 69 -1.82 15.27 -13.59
N THR A 70 -1.90 14.56 -14.71
CA THR A 70 -1.04 13.40 -14.95
C THR A 70 -1.03 13.00 -16.41
N ALA A 71 -0.20 12.00 -16.73
CA ALA A 71 -0.09 11.53 -18.10
C ALA A 71 -1.36 10.77 -18.45
N ALA A 72 -1.68 10.72 -19.74
CA ALA A 72 -2.87 10.03 -20.18
C ALA A 72 -2.62 8.54 -20.20
N HIS A 73 -1.42 8.13 -20.61
CA HIS A 73 -1.13 6.71 -20.67
C HIS A 73 -1.25 6.05 -19.31
N CYS A 74 -0.90 6.80 -18.26
CA CYS A 74 -0.99 6.29 -16.89
C CYS A 74 -2.35 5.68 -16.62
N LEU A 75 -3.38 6.30 -17.21
CA LEU A 75 -4.77 5.88 -17.01
C LEU A 75 -5.34 5.10 -18.18
N LEU A 76 -5.02 5.52 -19.39
CA LEU A 76 -5.55 4.85 -20.57
C LEU A 76 -4.50 4.35 -21.56
N TYR A 77 -4.48 3.05 -21.78
CA TYR A 77 -3.54 2.47 -22.71
C TYR A 77 -4.03 1.08 -23.13
N PRO A 78 -4.85 1.03 -24.19
CA PRO A 78 -5.44 -0.19 -24.75
C PRO A 78 -4.47 -1.34 -24.92
N PRO A 79 -3.33 -1.11 -25.60
CA PRO A 79 -2.35 -2.19 -25.80
C PRO A 79 -2.23 -3.17 -24.63
N TRP A 80 -2.36 -2.69 -23.40
CA TRP A 80 -2.25 -3.57 -22.23
C TRP A 80 -3.56 -3.71 -21.48
N ASP A 81 -4.67 -3.41 -22.14
CA ASP A 81 -5.97 -3.51 -21.51
C ASP A 81 -6.03 -2.63 -20.28
N LYS A 82 -5.36 -1.48 -20.34
CA LYS A 82 -5.37 -0.56 -19.21
C LYS A 82 -6.49 0.43 -19.45
N ASN A 83 -7.35 0.58 -18.46
CA ASN A 83 -8.46 1.50 -18.61
C ASN A 83 -9.15 1.77 -17.28
N PHE A 84 -8.41 2.37 -16.36
CA PHE A 84 -8.93 2.67 -15.04
C PHE A 84 -10.18 3.53 -14.98
N THR A 85 -10.85 3.46 -13.85
CA THR A 85 -12.10 4.18 -13.60
C THR A 85 -12.02 4.93 -12.29
N GLU A 86 -12.84 5.97 -12.17
CA GLU A 86 -12.90 6.81 -10.98
C GLU A 86 -12.61 6.08 -9.66
N ASN A 87 -13.20 4.91 -9.48
CA ASN A 87 -12.97 4.19 -8.23
C ASN A 87 -12.11 2.96 -8.28
N ASP A 88 -11.23 2.89 -9.28
CA ASP A 88 -10.29 1.78 -9.39
C ASP A 88 -9.07 2.34 -8.69
N LEU A 89 -8.99 3.68 -8.66
CA LEU A 89 -7.86 4.38 -8.12
C LEU A 89 -8.07 5.29 -6.93
N LEU A 90 -6.93 5.76 -6.43
CA LEU A 90 -6.83 6.67 -5.30
C LEU A 90 -5.70 7.62 -5.63
N VAL A 91 -5.66 8.73 -4.91
CA VAL A 91 -4.62 9.70 -5.10
C VAL A 91 -4.16 10.10 -3.71
N ARG A 92 -2.86 9.92 -3.47
CA ARG A 92 -2.26 10.26 -2.19
C ARG A 92 -1.47 11.57 -2.32
N ILE A 93 -1.71 12.50 -1.40
CA ILE A 93 -1.06 13.78 -1.49
C ILE A 93 -0.33 14.22 -0.21
N GLY A 94 0.86 14.80 -0.38
CA GLY A 94 1.60 15.26 0.78
C GLY A 94 2.58 14.22 1.27
N LYS A 95 2.62 13.10 0.56
CA LYS A 95 3.51 12.00 0.91
C LYS A 95 4.99 12.39 0.86
N HIS A 96 5.84 11.48 1.30
CA HIS A 96 7.28 11.72 1.31
C HIS A 96 7.98 10.39 1.23
N SER A 97 7.56 9.47 2.09
CA SER A 97 8.11 8.13 2.10
C SER A 97 7.28 7.38 1.07
N ARG A 98 7.92 6.47 0.37
CA ARG A 98 7.22 5.72 -0.65
C ARG A 98 6.32 4.64 -0.07
N THR A 99 6.55 4.25 1.17
CA THR A 99 5.77 3.17 1.76
C THR A 99 4.98 3.51 3.00
N ARG A 100 5.64 4.09 4.00
CA ARG A 100 4.96 4.45 5.24
C ARG A 100 3.72 5.30 4.97
N TYR A 101 2.73 5.17 5.84
CA TYR A 101 1.51 5.95 5.68
C TYR A 101 1.63 7.16 6.59
N GLU A 102 2.11 8.26 6.04
CA GLU A 102 2.30 9.48 6.80
C GLU A 102 0.97 10.08 7.26
N ALA A 103 0.55 9.55 8.41
CA ALA A 103 -0.68 9.87 9.13
C ALA A 103 -1.19 11.31 9.09
N ASN A 104 -0.66 12.18 9.93
CA ASN A 104 -1.15 13.55 9.91
C ASN A 104 -0.37 14.47 8.95
N ILE A 105 0.00 13.91 7.79
CA ILE A 105 0.71 14.66 6.77
C ILE A 105 0.00 14.47 5.44
N GLU A 106 0.06 13.25 4.89
CA GLU A 106 -0.57 12.98 3.61
C GLU A 106 -2.08 12.94 3.68
N LYS A 107 -2.71 13.02 2.52
CA LYS A 107 -4.15 13.03 2.42
C LYS A 107 -4.62 12.21 1.25
N ILE A 108 -5.47 11.23 1.53
CA ILE A 108 -6.00 10.34 0.51
C ILE A 108 -7.31 10.87 -0.04
N SER A 109 -7.34 11.14 -1.35
CA SER A 109 -8.53 11.64 -2.02
C SER A 109 -9.09 10.67 -3.04
N MET A 110 -10.40 10.74 -3.25
CA MET A 110 -11.08 9.86 -4.19
C MET A 110 -11.28 10.60 -5.48
N LEU A 111 -11.77 9.88 -6.48
CA LEU A 111 -11.98 10.48 -7.78
C LEU A 111 -13.44 10.75 -8.12
N GLU A 112 -13.67 11.93 -8.68
CA GLU A 112 -15.00 12.34 -9.11
C GLU A 112 -15.14 11.95 -10.59
N LYS A 113 -14.24 12.46 -11.41
CA LYS A 113 -14.26 12.20 -12.84
C LYS A 113 -12.85 12.17 -13.41
N ILE A 114 -12.65 11.32 -14.41
CA ILE A 114 -11.36 11.20 -15.09
C ILE A 114 -11.55 11.88 -16.43
N TYR A 115 -10.59 12.69 -16.84
CA TYR A 115 -10.66 13.39 -18.12
C TYR A 115 -9.39 13.16 -18.92
N ILE A 116 -9.52 12.39 -20.00
CA ILE A 116 -8.38 12.11 -20.84
C ILE A 116 -8.47 12.99 -22.09
N HIS A 117 -7.33 13.46 -22.58
CA HIS A 117 -7.33 14.31 -23.75
C HIS A 117 -7.95 13.61 -24.96
N PRO A 118 -8.98 14.23 -25.56
CA PRO A 118 -9.72 13.73 -26.72
C PRO A 118 -8.84 13.32 -27.90
N ARG A 119 -7.67 13.92 -28.01
CA ARG A 119 -6.77 13.61 -29.11
C ARG A 119 -5.52 12.86 -28.65
N TYR A 120 -5.58 12.27 -27.46
CA TYR A 120 -4.45 11.50 -26.92
C TYR A 120 -4.15 10.35 -27.90
N ASN A 121 -2.92 10.30 -28.41
CA ASN A 121 -2.54 9.29 -29.39
C ASN A 121 -1.66 8.14 -28.92
N TRP A 122 -2.27 7.06 -28.46
CA TRP A 122 -1.51 5.91 -27.97
C TRP A 122 -1.08 4.93 -29.07
N ARG A 123 -1.79 4.94 -30.20
CA ARG A 123 -1.49 4.04 -31.31
C ARG A 123 -0.11 4.32 -31.91
N GLU A 124 0.38 5.54 -31.75
CA GLU A 124 1.68 5.89 -32.32
C GLU A 124 2.75 6.44 -31.38
N ASN A 125 2.49 7.60 -30.76
CA ASN A 125 3.54 8.19 -29.95
C ASN A 125 3.09 8.99 -28.74
N LEU A 126 2.06 8.54 -28.05
CA LEU A 126 1.60 9.27 -26.88
C LEU A 126 1.51 10.78 -27.15
N ASP A 127 1.00 11.16 -28.32
CA ASP A 127 0.86 12.57 -28.63
C ASP A 127 -0.27 13.06 -27.72
N ARG A 128 -0.08 14.25 -27.14
CA ARG A 128 -1.03 14.86 -26.23
C ARG A 128 -1.30 13.93 -25.07
N ASP A 129 -0.19 13.50 -24.46
CA ASP A 129 -0.18 12.59 -23.32
C ASP A 129 -0.53 13.34 -22.03
N ILE A 130 -1.79 13.74 -21.90
CA ILE A 130 -2.22 14.47 -20.73
C ILE A 130 -3.61 14.02 -20.28
N ALA A 131 -3.96 14.29 -19.02
CA ALA A 131 -5.25 13.90 -18.48
C ALA A 131 -5.50 14.53 -17.12
N LEU A 132 -6.73 14.98 -16.87
CA LEU A 132 -7.09 15.61 -15.59
C LEU A 132 -7.92 14.68 -14.70
N MET A 133 -7.96 15.01 -13.41
CA MET A 133 -8.72 14.21 -12.44
C MET A 133 -9.43 15.10 -11.42
N LYS A 134 -10.76 15.09 -11.41
CA LYS A 134 -11.49 15.90 -10.44
C LYS A 134 -11.62 15.06 -9.19
N LEU A 135 -11.46 15.70 -8.03
CA LEU A 135 -11.56 14.99 -6.76
C LEU A 135 -12.94 15.10 -6.11
N LYS A 136 -13.48 13.96 -5.70
CA LYS A 136 -14.79 13.93 -5.06
C LYS A 136 -14.86 15.02 -4.00
N LYS A 137 -13.82 15.09 -3.17
CA LYS A 137 -13.76 16.07 -2.10
C LYS A 137 -12.51 16.96 -2.20
N PRO A 138 -12.67 18.29 -2.07
CA PRO A 138 -11.55 19.23 -2.14
C PRO A 138 -10.49 18.95 -1.08
N VAL A 139 -9.22 19.16 -1.40
CA VAL A 139 -8.14 18.89 -0.46
C VAL A 139 -7.73 20.12 0.34
N ALA A 140 -7.29 19.89 1.56
CA ALA A 140 -6.86 20.98 2.44
C ALA A 140 -5.37 21.26 2.25
N PHE A 141 -5.02 22.53 2.09
CA PHE A 141 -3.62 22.88 1.93
C PHE A 141 -2.92 22.88 3.27
N SER A 142 -1.70 22.38 3.28
CA SER A 142 -0.89 22.33 4.49
C SER A 142 0.51 22.71 4.06
N ASP A 143 1.47 22.56 4.96
CA ASP A 143 2.85 22.88 4.62
C ASP A 143 3.38 21.78 3.72
N TYR A 144 2.55 20.77 3.50
CA TYR A 144 2.94 19.63 2.69
C TYR A 144 2.13 19.44 1.43
N ILE A 145 0.93 20.02 1.40
CA ILE A 145 0.08 19.89 0.25
C ILE A 145 -0.27 21.23 -0.36
N HIS A 146 0.44 21.60 -1.40
CA HIS A 146 0.20 22.88 -2.06
C HIS A 146 0.28 22.75 -3.59
N PRO A 147 -0.46 23.60 -4.32
CA PRO A 147 -0.49 23.58 -5.79
C PRO A 147 0.67 24.25 -6.54
N VAL A 148 0.93 23.76 -7.75
CA VAL A 148 1.97 24.28 -8.63
C VAL A 148 1.20 25.13 -9.65
N CYS A 149 1.86 26.07 -10.31
CA CYS A 149 1.15 26.89 -11.29
C CYS A 149 1.14 26.32 -12.70
N LEU A 150 0.19 26.76 -13.49
CA LEU A 150 0.13 26.33 -14.88
C LEU A 150 0.77 27.44 -15.69
N PRO A 151 1.65 27.05 -16.62
CA PRO A 151 2.33 28.03 -17.47
C PRO A 151 1.38 28.88 -18.32
N ASP A 152 1.92 29.97 -18.87
CA ASP A 152 1.17 30.89 -19.72
C ASP A 152 2.12 31.40 -20.80
N ARG A 153 1.61 32.16 -21.77
CA ARG A 153 2.46 32.67 -22.85
C ARG A 153 3.86 33.08 -22.36
N GLU A 154 3.89 34.13 -21.54
CA GLU A 154 5.12 34.66 -20.99
C GLU A 154 5.99 33.59 -20.33
N THR A 155 5.47 32.99 -19.28
CA THR A 155 6.21 31.98 -18.58
C THR A 155 6.82 30.96 -19.54
N ALA A 156 6.00 30.44 -20.45
CA ALA A 156 6.48 29.46 -21.40
C ALA A 156 7.70 29.96 -22.18
N ALA A 157 7.53 31.09 -22.85
CA ALA A 157 8.58 31.69 -23.66
C ALA A 157 9.90 31.99 -22.94
N SER A 158 9.80 32.31 -21.65
CA SER A 158 10.97 32.66 -20.85
C SER A 158 11.76 31.47 -20.31
N LEU A 159 11.05 30.47 -19.83
CA LEU A 159 11.68 29.32 -19.23
C LEU A 159 11.87 28.07 -20.08
N LEU A 160 11.03 27.87 -21.08
CA LEU A 160 11.16 26.65 -21.87
C LEU A 160 12.19 26.74 -23.00
N GLN A 161 13.45 26.80 -22.61
CA GLN A 161 14.53 26.91 -23.57
C GLN A 161 15.67 25.92 -23.34
N ALA A 162 16.30 25.49 -24.42
CA ALA A 162 17.42 24.55 -24.36
C ALA A 162 18.48 25.03 -23.38
N GLY A 163 19.00 24.09 -22.60
CA GLY A 163 20.01 24.42 -21.62
C GLY A 163 19.37 24.74 -20.28
N TYR A 164 18.17 25.30 -20.32
CA TYR A 164 17.45 25.62 -19.11
C TYR A 164 17.11 24.33 -18.39
N LYS A 165 17.30 24.33 -17.08
CA LYS A 165 17.02 23.15 -16.30
C LYS A 165 15.67 23.24 -15.59
N GLY A 166 14.98 22.11 -15.61
CA GLY A 166 13.71 21.96 -14.95
C GLY A 166 13.96 20.88 -13.92
N ARG A 167 12.98 20.56 -13.09
CA ARG A 167 13.16 19.54 -12.07
C ARG A 167 12.10 18.45 -12.21
N VAL A 168 12.47 17.21 -11.93
CA VAL A 168 11.54 16.08 -12.02
C VAL A 168 11.63 15.29 -10.73
N THR A 169 10.50 15.11 -10.05
CA THR A 169 10.48 14.36 -8.81
C THR A 169 9.58 13.14 -8.88
N GLY A 170 9.89 12.12 -8.09
CA GLY A 170 9.08 10.94 -8.13
C GLY A 170 9.52 9.78 -7.28
N TRP A 171 8.66 8.78 -7.21
CA TRP A 171 8.90 7.59 -6.43
C TRP A 171 9.16 6.44 -7.39
N GLY A 172 9.41 6.77 -8.65
CA GLY A 172 9.65 5.75 -9.64
C GLY A 172 10.95 4.99 -9.39
N ASN A 173 11.22 4.03 -10.27
CA ASN A 173 12.43 3.20 -10.18
C ASN A 173 13.71 4.03 -10.18
N LEU A 174 14.78 3.42 -9.70
CA LEU A 174 16.08 4.07 -9.65
C LEU A 174 16.96 3.56 -10.77
N LYS A 175 16.44 2.61 -11.53
CA LYS A 175 17.20 2.06 -12.64
C LYS A 175 16.22 1.44 -13.61
N GLU A 176 16.71 0.67 -14.56
CA GLU A 176 15.86 0.01 -15.53
C GLU A 176 15.52 -1.43 -15.10
N THR A 177 14.24 -1.78 -15.10
CA THR A 177 13.80 -3.11 -14.70
C THR A 177 13.84 -4.12 -15.85
N GLY A 185 15.42 -1.20 -5.85
CA GLY A 185 14.30 -1.05 -6.82
C GLY A 185 13.67 0.33 -6.76
N GLN A 186 12.89 0.58 -5.71
CA GLN A 186 12.25 1.87 -5.54
C GLN A 186 12.86 2.59 -4.34
N PRO A 187 12.75 3.92 -4.31
CA PRO A 187 13.30 4.66 -3.18
C PRO A 187 12.31 4.66 -2.02
N SER A 188 12.78 4.94 -0.83
CA SER A 188 11.91 4.96 0.33
C SER A 188 11.37 6.37 0.53
N VAL A 189 11.87 7.29 -0.30
CA VAL A 189 11.46 8.68 -0.21
C VAL A 189 11.52 9.36 -1.56
N LEU A 190 10.58 10.28 -1.77
CA LEU A 190 10.49 11.02 -3.02
C LEU A 190 11.87 11.42 -3.52
N GLN A 191 12.12 11.18 -4.80
CA GLN A 191 13.39 11.53 -5.40
C GLN A 191 13.28 12.82 -6.22
N VAL A 192 14.41 13.49 -6.40
CA VAL A 192 14.47 14.72 -7.17
C VAL A 192 15.73 14.72 -8.02
N VAL A 193 15.62 15.32 -9.20
CA VAL A 193 16.74 15.42 -10.13
C VAL A 193 16.49 16.64 -11.00
N ASN A 194 17.56 17.36 -11.34
CA ASN A 194 17.43 18.54 -12.18
C ASN A 194 18.01 18.22 -13.54
N LEU A 195 17.20 18.42 -14.58
CA LEU A 195 17.65 18.15 -15.94
C LEU A 195 17.48 19.36 -16.83
N PRO A 196 18.29 19.43 -17.89
CA PRO A 196 18.27 20.52 -18.87
C PRO A 196 17.43 20.23 -20.11
N ILE A 197 16.71 21.25 -20.58
CA ILE A 197 15.88 21.10 -21.75
C ILE A 197 16.78 20.92 -22.97
N VAL A 198 16.47 19.92 -23.78
CA VAL A 198 17.26 19.66 -24.98
C VAL A 198 16.58 20.31 -26.19
N GLU A 199 17.40 20.69 -27.18
CA GLU A 199 16.91 21.31 -28.40
C GLU A 199 16.16 20.30 -29.27
N ARG A 200 14.94 20.65 -29.65
CA ARG A 200 14.09 19.78 -30.44
C ARG A 200 14.80 18.93 -31.51
N PRO A 201 15.67 19.55 -32.32
CA PRO A 201 16.39 18.79 -33.35
C PRO A 201 17.11 17.56 -32.78
N VAL A 202 17.83 17.76 -31.68
CA VAL A 202 18.54 16.66 -31.03
C VAL A 202 17.52 15.63 -30.57
N CYS A 203 16.51 16.08 -29.81
CA CYS A 203 15.46 15.18 -29.33
C CYS A 203 14.97 14.31 -30.48
N LYS A 204 14.67 14.96 -31.61
CA LYS A 204 14.15 14.27 -32.79
C LYS A 204 15.02 13.12 -33.25
N ASP A 205 16.23 13.42 -33.71
CA ASP A 205 17.11 12.37 -34.20
C ASP A 205 17.79 11.51 -33.12
N SER A 206 17.25 11.55 -31.91
CA SER A 206 17.78 10.75 -30.81
C SER A 206 16.98 9.45 -30.76
N THR A 207 15.84 9.47 -31.44
CA THR A 207 14.97 8.31 -31.46
C THR A 207 14.26 8.18 -32.80
N ARG A 208 13.88 6.95 -33.14
CA ARG A 208 13.17 6.70 -34.39
C ARG A 208 11.67 6.83 -34.21
N ILE A 209 11.26 7.49 -33.13
CA ILE A 209 9.85 7.71 -32.87
C ILE A 209 9.53 9.11 -33.38
N ARG A 210 8.33 9.28 -33.90
CA ARG A 210 7.91 10.57 -34.44
C ARG A 210 7.57 11.57 -33.34
N ILE A 211 8.37 12.64 -33.26
CA ILE A 211 8.17 13.69 -32.27
C ILE A 211 6.99 14.62 -32.63
N THR A 212 6.59 15.46 -31.67
CA THR A 212 5.49 16.40 -31.85
C THR A 212 5.76 17.64 -31.03
N ASP A 213 5.14 18.76 -31.39
CA ASP A 213 5.33 20.01 -30.66
C ASP A 213 4.64 19.91 -29.30
N ASN A 214 3.78 18.92 -29.15
CA ASN A 214 3.08 18.71 -27.89
C ASN A 214 3.97 18.02 -26.90
N MET A 215 5.23 17.85 -27.26
CA MET A 215 6.17 17.18 -26.37
C MET A 215 7.58 17.73 -26.51
N PHE A 216 8.29 17.79 -25.38
CA PHE A 216 9.65 18.26 -25.39
C PHE A 216 10.50 17.25 -24.66
N CYS A 217 11.81 17.41 -24.74
CA CYS A 217 12.67 16.46 -24.06
C CYS A 217 13.74 17.18 -23.26
N ALA A 218 14.00 16.70 -22.05
CA ALA A 218 15.02 17.27 -21.18
C ALA A 218 16.10 16.22 -21.04
N GLY A 219 17.16 16.50 -20.30
CA GLY A 219 18.21 15.51 -20.14
C GLY A 219 19.58 15.93 -20.62
N TYR A 220 20.61 15.39 -19.98
CA TYR A 220 22.00 15.70 -20.32
C TYR A 220 22.48 14.94 -21.55
N LYS A 221 23.54 15.47 -22.16
CA LYS A 221 24.13 14.88 -23.34
C LYS A 221 25.36 14.06 -22.95
N PRO A 222 25.68 13.04 -23.75
CA PRO A 222 26.81 12.13 -23.55
C PRO A 222 28.14 12.73 -23.10
N ASP A 223 28.44 13.95 -23.51
CA ASP A 223 29.70 14.59 -23.16
C ASP A 223 29.67 15.56 -21.96
N GLU A 224 28.49 15.73 -21.36
CA GLU A 224 28.35 16.63 -20.23
C GLU A 224 28.79 16.09 -18.87
N GLY A 225 28.94 14.77 -18.78
CA GLY A 225 29.38 14.18 -17.52
C GLY A 225 28.23 13.74 -16.65
N LYS A 226 27.39 14.69 -16.25
CA LYS A 226 26.23 14.40 -15.41
C LYS A 226 25.25 13.45 -16.11
N ARG A 227 24.35 12.87 -15.34
CA ARG A 227 23.34 11.96 -15.87
C ARG A 227 22.03 12.17 -15.14
N GLY A 228 21.09 11.26 -15.31
CA GLY A 228 19.82 11.41 -14.64
C GLY A 228 18.69 11.38 -15.64
N ASP A 229 17.55 10.87 -15.18
CA ASP A 229 16.38 10.76 -16.03
C ASP A 229 15.24 10.26 -15.16
N ALA A 230 14.06 10.13 -15.77
CA ALA A 230 12.89 9.63 -15.07
C ALA A 230 12.79 8.16 -15.43
N CYS A 231 12.00 7.41 -14.69
CA CYS A 231 11.83 5.99 -14.99
C CYS A 231 10.45 5.52 -14.56
N GLU A 232 10.24 4.21 -14.68
CA GLU A 232 8.96 3.59 -14.33
C GLU A 232 8.44 4.06 -12.99
N GLY A 233 7.22 4.59 -13.00
CA GLY A 233 6.61 5.06 -11.77
C GLY A 233 6.64 6.57 -11.62
N ASP A 234 7.41 7.23 -12.49
CA ASP A 234 7.52 8.68 -12.48
C ASP A 234 6.60 9.31 -13.50
N SER A 235 6.10 8.50 -14.44
CA SER A 235 5.18 8.97 -15.46
C SER A 235 3.97 9.67 -14.82
N GLY A 236 3.50 10.74 -15.44
CA GLY A 236 2.36 11.46 -14.90
C GLY A 236 2.85 12.50 -13.91
N GLY A 237 4.11 12.35 -13.51
CA GLY A 237 4.75 13.27 -12.58
C GLY A 237 5.11 14.61 -13.21
N PRO A 238 5.37 15.64 -12.40
CA PRO A 238 5.72 16.95 -12.93
C PRO A 238 7.18 17.20 -13.32
N PHE A 239 7.33 18.21 -14.16
CA PHE A 239 8.63 18.68 -14.61
C PHE A 239 8.43 20.17 -14.38
N VAL A 240 9.09 20.70 -13.34
CA VAL A 240 8.89 22.11 -13.03
C VAL A 240 10.07 23.04 -13.31
N MET A 241 9.82 24.33 -13.11
CA MET A 241 10.82 25.37 -13.31
C MET A 241 10.42 26.56 -12.41
N LYS A 242 11.40 27.14 -11.74
CA LYS A 242 11.11 28.28 -10.89
C LYS A 242 11.34 29.55 -11.70
N SER A 243 10.30 30.37 -11.83
CA SER A 243 10.43 31.61 -12.59
C SER A 243 11.19 32.63 -11.78
N PRO A 244 12.37 33.03 -12.27
CA PRO A 244 13.28 34.00 -11.65
C PRO A 244 12.57 35.31 -11.35
N PHE A 245 11.51 35.55 -12.09
CA PHE A 245 10.77 36.78 -11.94
C PHE A 245 9.93 36.88 -10.68
N ASN A 246 9.02 35.94 -10.50
CA ASN A 246 8.14 35.96 -9.35
C ASN A 246 8.36 34.83 -8.37
N ASN A 247 9.55 34.23 -8.39
CA ASN A 247 9.84 33.14 -7.45
C ASN A 247 8.77 32.06 -7.39
N ARG A 248 8.05 31.83 -8.48
CA ARG A 248 7.02 30.80 -8.48
C ARG A 248 7.38 29.57 -9.28
N TRP A 249 6.82 28.43 -8.89
CA TRP A 249 7.09 27.18 -9.58
C TRP A 249 6.00 26.85 -10.56
N TYR A 250 6.38 26.45 -11.77
CA TYR A 250 5.41 26.11 -12.82
C TYR A 250 5.60 24.69 -13.34
N GLN A 251 4.50 24.02 -13.71
CA GLN A 251 4.65 22.68 -14.27
C GLN A 251 4.73 22.89 -15.78
N MET A 252 5.90 22.66 -16.34
CA MET A 252 6.13 22.84 -17.77
C MET A 252 5.94 21.55 -18.56
N GLY A 253 5.95 20.43 -17.85
CA GLY A 253 5.79 19.15 -18.51
C GLY A 253 5.13 18.11 -17.64
N ILE A 254 5.08 16.88 -18.15
CA ILE A 254 4.50 15.76 -17.43
C ILE A 254 5.34 14.58 -17.86
N VAL A 255 5.84 13.77 -16.93
CA VAL A 255 6.64 12.66 -17.39
C VAL A 255 5.78 11.81 -18.32
N SER A 256 6.19 11.75 -19.59
CA SER A 256 5.46 11.01 -20.62
C SER A 256 6.03 9.65 -21.01
N TRP A 257 7.13 9.68 -21.75
CA TRP A 257 7.74 8.43 -22.18
C TRP A 257 9.25 8.53 -22.33
N GLY A 258 9.83 7.50 -22.92
CA GLY A 258 11.27 7.48 -23.13
C GLY A 258 11.71 6.05 -23.38
N GLU A 259 12.88 5.88 -23.98
CA GLU A 259 13.40 4.55 -24.27
C GLU A 259 14.41 4.14 -23.21
N GLY A 260 13.97 3.23 -22.34
CA GLY A 260 14.83 2.77 -21.27
C GLY A 260 14.78 3.78 -20.15
N CYS A 261 15.92 4.06 -19.53
CA CYS A 261 15.99 5.04 -18.45
C CYS A 261 17.43 5.46 -18.28
N ASP A 262 17.75 6.66 -18.75
CA ASP A 262 19.10 7.18 -18.64
C ASP A 262 20.07 6.40 -19.50
N ARG A 263 19.71 6.22 -20.76
CA ARG A 263 20.56 5.52 -21.72
C ARG A 263 21.35 6.62 -22.43
N ASP A 264 22.64 6.41 -22.63
CA ASP A 264 23.48 7.40 -23.29
C ASP A 264 22.92 7.82 -24.66
N GLY A 265 22.81 9.12 -24.86
CA GLY A 265 22.30 9.64 -26.12
C GLY A 265 20.81 9.39 -26.30
N LYS A 266 20.15 9.09 -25.19
CA LYS A 266 18.72 8.86 -25.21
C LYS A 266 18.18 10.00 -24.38
N TYR A 267 16.89 10.29 -24.51
CA TYR A 267 16.33 11.40 -23.76
C TYR A 267 14.95 11.12 -23.24
N GLY A 268 14.56 11.84 -22.19
CA GLY A 268 13.24 11.64 -21.64
C GLY A 268 12.28 12.59 -22.29
N PHE A 269 11.06 12.14 -22.57
CA PHE A 269 10.08 13.01 -23.20
C PHE A 269 8.95 13.39 -22.26
N TYR A 270 8.60 14.67 -22.30
CA TYR A 270 7.56 15.22 -21.45
C TYR A 270 6.43 15.90 -22.22
N THR A 271 5.21 15.69 -21.74
CA THR A 271 4.06 16.33 -22.39
C THR A 271 4.29 17.82 -22.21
N HIS A 272 4.12 18.57 -23.29
CA HIS A 272 4.32 20.02 -23.32
C HIS A 272 3.07 20.73 -22.80
N VAL A 273 2.98 20.85 -21.47
CA VAL A 273 1.81 21.45 -20.82
C VAL A 273 1.20 22.68 -21.50
N PHE A 274 1.93 23.79 -21.55
CA PHE A 274 1.36 24.99 -22.15
C PHE A 274 0.73 24.76 -23.52
N ARG A 275 1.35 23.92 -24.33
CA ARG A 275 0.84 23.65 -25.68
C ARG A 275 -0.56 23.00 -25.65
N LEU A 276 -1.04 22.70 -24.46
CA LEU A 276 -2.35 22.09 -24.31
C LEU A 276 -3.10 22.73 -23.15
N LYS A 277 -2.64 23.89 -22.69
CA LYS A 277 -3.31 24.53 -21.57
C LYS A 277 -4.74 24.90 -21.96
N LYS A 278 -4.96 25.08 -23.26
CA LYS A 278 -6.28 25.44 -23.75
C LYS A 278 -7.31 24.39 -23.31
N TRP A 279 -6.96 23.13 -23.54
CA TRP A 279 -7.81 22.01 -23.17
C TRP A 279 -8.07 22.09 -21.67
N ILE A 280 -6.99 21.96 -20.90
CA ILE A 280 -7.09 22.05 -19.45
C ILE A 280 -8.12 23.10 -19.04
N GLN A 281 -7.87 24.34 -19.44
CA GLN A 281 -8.79 25.42 -19.13
C GLN A 281 -10.21 25.02 -19.50
N LYS A 282 -10.39 24.52 -20.72
CA LYS A 282 -11.71 24.11 -21.19
C LYS A 282 -12.42 23.19 -20.21
N VAL A 283 -11.85 22.03 -19.95
CA VAL A 283 -12.51 21.09 -19.06
C VAL A 283 -12.73 21.59 -17.65
N ILE A 284 -11.84 22.42 -17.14
CA ILE A 284 -12.01 22.93 -15.78
C ILE A 284 -13.10 24.00 -15.69
N ASP A 285 -13.27 24.78 -16.75
CA ASP A 285 -14.28 25.82 -16.77
C ASP A 285 -15.65 25.18 -17.02
N GLN A 286 -15.67 24.14 -17.85
CA GLN A 286 -16.90 23.43 -18.21
C GLN A 286 -17.55 22.70 -17.04
N PHE A 287 -16.99 22.88 -15.84
CA PHE A 287 -17.53 22.21 -14.66
C PHE A 287 -17.40 23.00 -13.35
N ALA B 1 -10.25 -11.78 -4.25
CA ALA B 1 -10.70 -10.69 -5.16
C ALA B 1 -11.77 -9.81 -4.52
N ASP B 2 -12.64 -10.41 -3.73
CA ASP B 2 -13.67 -9.64 -3.02
C ASP B 2 -13.40 -9.85 -1.52
N CYS B 3 -12.22 -10.37 -1.24
CA CYS B 3 -11.79 -10.64 0.12
C CYS B 3 -11.66 -9.33 0.89
N GLY B 4 -11.55 -9.46 2.21
CA GLY B 4 -11.37 -8.31 3.07
C GLY B 4 -12.60 -7.46 3.34
N LEU B 5 -13.61 -7.63 2.51
CA LEU B 5 -14.82 -6.83 2.67
C LEU B 5 -15.93 -7.63 3.34
N ARG B 6 -16.18 -7.31 4.61
CA ARG B 6 -17.23 -7.97 5.40
C ARG B 6 -18.65 -7.57 4.95
N PRO B 7 -19.53 -8.56 4.71
CA PRO B 7 -20.92 -8.34 4.26
C PRO B 7 -21.77 -7.49 5.21
N LEU B 8 -21.48 -7.58 6.50
CA LEU B 8 -22.26 -6.85 7.50
C LEU B 8 -21.63 -5.52 7.93
N PHE B 9 -20.57 -5.08 7.25
CA PHE B 9 -19.86 -3.81 7.56
C PHE B 9 -19.45 -3.07 6.29
N GLU B 10 -18.27 -3.37 5.77
CA GLU B 10 -17.81 -2.70 4.56
C GLU B 10 -18.91 -2.71 3.50
N LYS B 11 -19.41 -3.89 3.13
CA LYS B 11 -20.49 -4.01 2.11
C LYS B 11 -21.74 -3.17 2.44
N LYS B 12 -21.97 -2.88 3.72
CA LYS B 12 -23.15 -2.11 4.15
C LYS B 12 -22.71 -0.82 4.78
N SER B 13 -21.51 -0.37 4.40
CA SER B 13 -20.93 0.87 4.91
C SER B 13 -21.13 1.04 6.42
N LEU B 14 -20.76 0.00 7.15
CA LEU B 14 -20.86 0.01 8.59
C LEU B 14 -19.53 -0.36 9.22
N GLU B 15 -19.25 0.26 10.35
CA GLU B 15 -18.01 0.01 11.08
C GLU B 15 -18.34 -0.44 12.49
N ASP B 16 -17.54 -1.39 12.99
CA ASP B 16 -17.71 -1.93 14.33
C ASP B 16 -17.17 -0.97 15.41
N LYS B 17 -17.52 -1.24 16.67
CA LYS B 17 -17.11 -0.39 17.79
C LYS B 17 -15.61 -0.15 18.02
N THR B 18 -14.74 -1.04 17.54
CA THR B 18 -13.32 -0.83 17.76
C THR B 18 -12.52 -0.54 16.50
N GLU B 19 -13.21 -0.51 15.37
CA GLU B 19 -12.57 -0.26 14.08
C GLU B 19 -11.69 0.99 14.14
N ARG B 20 -12.30 2.09 14.57
CA ARG B 20 -11.60 3.37 14.67
C ARG B 20 -10.26 3.27 15.42
N GLU B 21 -10.26 2.53 16.53
CA GLU B 21 -9.04 2.38 17.33
C GLU B 21 -7.86 1.94 16.48
N LEU B 22 -8.14 1.14 15.45
CA LEU B 22 -7.08 0.65 14.56
C LEU B 22 -6.59 1.72 13.60
N LEU B 23 -7.51 2.22 12.79
CA LEU B 23 -7.17 3.27 11.83
C LEU B 23 -6.39 4.35 12.59
N GLU B 24 -6.93 4.76 13.73
CA GLU B 24 -6.30 5.79 14.55
C GLU B 24 -4.89 5.45 15.06
N SER B 25 -4.55 4.16 15.10
CA SER B 25 -3.23 3.78 15.60
C SER B 25 -2.15 4.18 14.60
N TYR B 26 -2.51 4.32 13.33
CA TYR B 26 -1.55 4.71 12.31
C TYR B 26 -1.24 6.18 12.62
N ILE B 27 -1.96 6.69 13.61
CA ILE B 27 -1.88 8.04 14.12
C ILE B 27 -2.84 9.00 13.41
N ILE B 31 -8.53 -15.43 24.34
CA ILE B 31 -8.34 -13.95 24.23
C ILE B 31 -8.49 -13.28 25.61
N VAL B 32 -7.42 -12.66 26.09
CA VAL B 32 -7.49 -12.00 27.40
C VAL B 32 -7.73 -10.50 27.25
N GLU B 33 -8.49 -9.95 28.19
CA GLU B 33 -8.84 -8.53 28.24
C GLU B 33 -9.44 -8.04 26.93
N GLY B 34 -10.04 -8.95 26.17
CA GLY B 34 -10.66 -8.56 24.92
C GLY B 34 -12.14 -8.34 25.20
N SER B 35 -12.94 -8.22 24.16
CA SER B 35 -14.38 -8.03 24.36
C SER B 35 -15.18 -8.90 23.39
N ASP B 36 -16.50 -8.87 23.51
CA ASP B 36 -17.36 -9.66 22.62
C ASP B 36 -17.33 -9.12 21.20
N ALA B 37 -17.15 -10.00 20.24
CA ALA B 37 -17.17 -9.56 18.85
C ALA B 37 -18.63 -9.30 18.49
N GLU B 38 -18.87 -8.58 17.40
CA GLU B 38 -20.23 -8.32 16.96
C GLU B 38 -20.49 -9.40 15.92
N ILE B 39 -21.74 -9.58 15.54
CA ILE B 39 -22.00 -10.61 14.55
C ILE B 39 -21.41 -10.22 13.20
N GLY B 40 -20.71 -11.18 12.61
CA GLY B 40 -20.10 -10.98 11.31
C GLY B 40 -18.87 -10.10 11.29
N MET B 41 -18.33 -9.71 12.46
CA MET B 41 -17.16 -8.84 12.46
C MET B 41 -15.82 -9.55 12.26
N SER B 42 -15.88 -10.84 12.00
CA SER B 42 -14.69 -11.65 11.73
C SER B 42 -15.18 -12.89 10.97
N PRO B 43 -15.83 -12.66 9.80
CA PRO B 43 -16.39 -13.71 8.92
C PRO B 43 -15.40 -14.67 8.30
N TRP B 44 -14.12 -14.51 8.61
CA TRP B 44 -13.11 -15.42 8.06
C TRP B 44 -12.54 -16.25 9.20
N GLN B 45 -13.09 -16.05 10.40
CA GLN B 45 -12.70 -16.74 11.62
C GLN B 45 -13.09 -18.20 11.52
N VAL B 46 -12.11 -19.08 11.71
CA VAL B 46 -12.37 -20.51 11.64
C VAL B 46 -12.02 -21.22 12.93
N MET B 47 -12.72 -22.32 13.19
CA MET B 47 -12.53 -23.11 14.38
C MET B 47 -12.05 -24.50 13.97
N LEU B 48 -10.85 -24.86 14.43
CA LEU B 48 -10.27 -26.18 14.17
C LEU B 48 -10.81 -27.03 15.30
N PHE B 49 -11.54 -28.06 14.94
CA PHE B 49 -12.14 -28.92 15.95
C PHE B 49 -11.64 -30.36 15.86
N ARG B 50 -11.61 -31.02 17.01
CA ARG B 50 -11.16 -32.41 17.09
C ARG B 50 -12.38 -33.35 17.11
N LYS B 51 -12.45 -34.28 16.16
CA LYS B 51 -13.58 -35.20 16.07
C LYS B 51 -13.82 -35.98 17.36
N SER B 52 -12.89 -36.83 17.74
CA SER B 52 -13.03 -37.62 18.95
C SER B 52 -11.72 -37.65 19.72
N PRO B 53 -11.75 -37.15 20.96
CA PRO B 53 -12.95 -36.59 21.59
C PRO B 53 -13.30 -35.24 20.97
N GLN B 54 -14.55 -34.82 21.14
CA GLN B 54 -14.99 -33.55 20.61
C GLN B 54 -14.32 -32.48 21.45
N GLU B 55 -13.57 -31.60 20.80
CA GLU B 55 -12.86 -30.55 21.52
C GLU B 55 -12.20 -29.52 20.61
N LEU B 56 -12.25 -28.26 21.05
CA LEU B 56 -11.67 -27.15 20.30
C LEU B 56 -10.19 -27.10 20.58
N LEU B 57 -9.39 -27.19 19.53
CA LEU B 57 -7.95 -27.18 19.69
C LEU B 57 -7.21 -26.00 19.06
N CYS B 58 -7.90 -25.19 18.25
CA CYS B 58 -7.27 -24.03 17.60
C CYS B 58 -8.17 -23.11 16.80
N GLY B 59 -7.57 -22.03 16.32
CA GLY B 59 -8.27 -21.07 15.48
C GLY B 59 -7.67 -21.23 14.08
N ALA B 60 -8.24 -20.53 13.10
CA ALA B 60 -7.75 -20.61 11.74
C ALA B 60 -8.48 -19.52 11.01
N SER B 61 -8.35 -19.48 9.69
CA SER B 61 -9.03 -18.46 8.89
C SER B 61 -9.39 -18.93 7.49
N LEU B 62 -10.40 -18.28 6.92
CA LEU B 62 -10.89 -18.58 5.59
C LEU B 62 -10.20 -17.65 4.61
N ILE B 63 -9.54 -18.20 3.61
CA ILE B 63 -8.87 -17.35 2.62
C ILE B 63 -9.33 -17.67 1.21
N SER B 64 -10.25 -18.61 1.11
CA SER B 64 -10.78 -19.03 -0.16
C SER B 64 -11.92 -20.02 0.12
N ASP B 65 -12.84 -20.14 -0.83
CA ASP B 65 -13.96 -21.06 -0.65
C ASP B 65 -13.48 -22.47 -0.35
N ARG B 66 -12.19 -22.74 -0.54
CA ARG B 66 -11.66 -24.07 -0.30
C ARG B 66 -10.42 -24.17 0.57
N TRP B 67 -9.89 -23.03 1.02
CA TRP B 67 -8.70 -23.10 1.84
C TRP B 67 -8.75 -22.39 3.19
N VAL B 68 -8.19 -23.04 4.20
CA VAL B 68 -8.12 -22.48 5.54
C VAL B 68 -6.64 -22.33 5.91
N LEU B 69 -6.32 -21.20 6.52
CA LEU B 69 -4.95 -20.89 6.95
C LEU B 69 -4.86 -20.97 8.47
N THR B 70 -3.84 -21.67 8.98
CA THR B 70 -3.68 -21.80 10.42
C THR B 70 -2.21 -21.97 10.76
N ALA B 71 -1.92 -22.25 12.02
CA ALA B 71 -0.54 -22.44 12.47
C ALA B 71 -0.14 -23.90 12.33
N ALA B 72 1.11 -24.13 11.98
CA ALA B 72 1.61 -25.49 11.82
C ALA B 72 1.62 -26.22 13.14
N HIS B 73 1.93 -25.50 14.22
CA HIS B 73 1.99 -26.13 15.54
C HIS B 73 0.61 -26.61 16.06
N CYS B 74 -0.46 -26.13 15.44
CA CYS B 74 -1.81 -26.53 15.82
C CYS B 74 -2.05 -27.95 15.34
N LEU B 75 -1.32 -28.34 14.29
CA LEU B 75 -1.49 -29.67 13.71
C LEU B 75 -0.30 -30.61 13.93
N LEU B 76 0.86 -30.04 14.18
CA LEU B 76 2.04 -30.87 14.33
C LEU B 76 3.02 -30.37 15.37
N TYR B 77 3.31 -31.22 16.35
CA TYR B 77 4.23 -30.87 17.40
C TYR B 77 4.66 -32.15 18.10
N PRO B 78 5.73 -32.80 17.60
CA PRO B 78 6.29 -34.04 18.12
C PRO B 78 6.41 -34.11 19.63
N PRO B 79 7.05 -33.11 20.24
CA PRO B 79 7.20 -33.10 21.71
C PRO B 79 6.02 -33.69 22.48
N TRP B 80 4.80 -33.48 21.99
CA TRP B 80 3.61 -34.01 22.67
C TRP B 80 2.89 -35.09 21.88
N ASP B 81 3.59 -35.69 20.93
CA ASP B 81 2.98 -36.74 20.13
C ASP B 81 1.75 -36.23 19.40
N LYS B 82 1.80 -34.96 19.02
CA LYS B 82 0.70 -34.34 18.29
C LYS B 82 1.02 -34.49 16.82
N ASN B 83 0.07 -35.02 16.05
CA ASN B 83 0.29 -35.19 14.63
C ASN B 83 -1.01 -35.54 13.93
N PHE B 84 -1.96 -34.60 13.97
CA PHE B 84 -3.26 -34.80 13.36
C PHE B 84 -3.28 -35.15 11.88
N THR B 85 -4.37 -35.77 11.46
CA THR B 85 -4.59 -36.20 10.08
C THR B 85 -5.88 -35.63 9.54
N GLU B 86 -5.93 -35.48 8.23
CA GLU B 86 -7.09 -34.92 7.56
C GLU B 86 -8.44 -35.30 8.17
N ASN B 87 -8.59 -36.47 8.74
CA ASN B 87 -9.88 -36.81 9.31
C ASN B 87 -10.01 -37.08 10.81
N ASP B 88 -9.12 -36.52 11.60
CA ASP B 88 -9.24 -36.67 13.05
C ASP B 88 -9.82 -35.31 13.44
N LEU B 89 -9.77 -34.38 12.47
CA LEU B 89 -10.21 -33.00 12.62
C LEU B 89 -11.41 -32.53 11.79
N LEU B 90 -11.93 -31.38 12.18
CA LEU B 90 -13.06 -30.73 11.51
C LEU B 90 -12.84 -29.22 11.56
N VAL B 91 -13.50 -28.52 10.65
CA VAL B 91 -13.41 -27.07 10.62
C VAL B 91 -14.81 -26.54 10.78
N ARG B 92 -14.97 -25.49 11.58
CA ARG B 92 -16.29 -24.90 11.78
C ARG B 92 -16.16 -23.43 11.37
N ILE B 93 -16.99 -23.03 10.41
CA ILE B 93 -16.97 -21.68 9.86
C ILE B 93 -18.18 -20.83 10.21
N GLY B 94 -17.96 -19.55 10.46
CA GLY B 94 -19.07 -18.66 10.76
C GLY B 94 -19.70 -18.76 12.14
N LYS B 95 -18.94 -19.24 13.12
CA LYS B 95 -19.46 -19.38 14.47
C LYS B 95 -19.27 -18.13 15.31
N HIS B 96 -20.07 -18.03 16.37
CA HIS B 96 -20.04 -16.91 17.29
C HIS B 96 -19.98 -17.43 18.72
N SER B 97 -20.88 -18.36 19.03
CA SER B 97 -20.92 -18.95 20.34
C SER B 97 -19.88 -20.03 20.36
N ARG B 98 -19.19 -20.14 21.48
CA ARG B 98 -18.15 -21.14 21.60
C ARG B 98 -18.71 -22.55 21.80
N THR B 99 -19.97 -22.65 22.19
CA THR B 99 -20.57 -23.96 22.45
C THR B 99 -21.82 -24.32 21.63
N ARG B 100 -22.80 -23.41 21.58
CA ARG B 100 -24.01 -23.69 20.81
C ARG B 100 -23.70 -23.98 19.34
N TYR B 101 -24.48 -24.89 18.76
CA TYR B 101 -24.32 -25.26 17.36
C TYR B 101 -25.22 -24.37 16.54
N GLU B 102 -24.65 -23.31 16.01
CA GLU B 102 -25.39 -22.35 15.22
C GLU B 102 -25.84 -22.92 13.89
N ALA B 103 -27.00 -23.57 13.99
CA ALA B 103 -27.69 -24.29 12.94
C ALA B 103 -27.60 -23.77 11.51
N ASN B 104 -28.38 -22.75 11.17
CA ASN B 104 -28.36 -22.27 9.80
C ASN B 104 -27.45 -21.06 9.57
N ILE B 105 -26.25 -21.14 10.14
CA ILE B 105 -25.26 -20.08 10.03
C ILE B 105 -23.87 -20.71 9.83
N GLU B 106 -23.40 -21.45 10.82
CA GLU B 106 -22.09 -22.08 10.70
C GLU B 106 -22.16 -23.18 9.69
N LYS B 107 -20.97 -23.59 9.23
CA LYS B 107 -20.85 -24.65 8.28
C LYS B 107 -19.78 -25.53 8.90
N ILE B 108 -19.84 -26.82 8.61
CA ILE B 108 -18.84 -27.73 9.13
C ILE B 108 -18.17 -28.33 7.91
N SER B 109 -16.84 -28.43 7.95
CA SER B 109 -16.12 -28.95 6.80
C SER B 109 -15.06 -30.01 7.05
N MET B 110 -14.85 -30.82 6.01
CA MET B 110 -13.88 -31.89 6.04
C MET B 110 -12.60 -31.44 5.36
N LEU B 111 -11.49 -32.02 5.79
CA LEU B 111 -10.20 -31.69 5.22
C LEU B 111 -9.84 -32.74 4.18
N GLU B 112 -9.31 -32.28 3.06
CA GLU B 112 -8.90 -33.17 1.99
C GLU B 112 -7.41 -33.43 2.13
N LYS B 113 -6.65 -32.39 2.47
CA LYS B 113 -5.21 -32.52 2.62
C LYS B 113 -4.58 -31.45 3.52
N ILE B 114 -3.81 -31.88 4.51
CA ILE B 114 -3.13 -30.95 5.39
C ILE B 114 -1.80 -30.64 4.74
N TYR B 115 -1.37 -29.39 4.81
CA TYR B 115 -0.12 -28.97 4.22
C TYR B 115 0.69 -28.13 5.21
N ILE B 116 1.74 -28.72 5.75
CA ILE B 116 2.59 -28.01 6.69
C ILE B 116 3.82 -27.50 5.97
N HIS B 117 4.33 -26.35 6.40
CA HIS B 117 5.52 -25.79 5.78
C HIS B 117 6.69 -26.76 5.99
N PRO B 118 7.57 -26.89 4.98
CA PRO B 118 8.72 -27.78 5.04
C PRO B 118 9.78 -27.44 6.10
N ARG B 119 10.24 -26.20 6.11
CA ARG B 119 11.25 -25.77 7.07
C ARG B 119 10.65 -25.22 8.38
N TYR B 120 9.58 -25.87 8.84
CA TYR B 120 8.92 -25.47 10.08
C TYR B 120 9.68 -26.05 11.29
N ASN B 121 10.49 -25.20 11.89
CA ASN B 121 11.31 -25.60 13.03
C ASN B 121 10.54 -25.67 14.36
N TRP B 122 10.05 -26.87 14.69
CA TRP B 122 9.32 -27.11 15.93
C TRP B 122 10.30 -27.53 17.02
N ARG B 123 11.56 -27.72 16.63
CA ARG B 123 12.60 -28.11 17.56
C ARG B 123 13.16 -26.97 18.40
N GLU B 124 12.78 -25.74 18.09
CA GLU B 124 13.34 -24.64 18.87
C GLU B 124 12.44 -23.44 19.12
N ASN B 125 11.86 -22.88 18.06
CA ASN B 125 11.03 -21.68 18.21
C ASN B 125 9.84 -21.63 17.26
N LEU B 126 9.44 -22.77 16.73
CA LEU B 126 8.31 -22.78 15.82
C LEU B 126 8.52 -21.77 14.69
N ASP B 127 9.75 -21.68 14.21
CA ASP B 127 10.04 -20.76 13.11
C ASP B 127 9.19 -21.28 11.94
N ARG B 128 8.48 -20.37 11.29
CA ARG B 128 7.61 -20.69 10.17
C ARG B 128 6.39 -21.48 10.66
N ASP B 129 5.80 -21.02 11.76
CA ASP B 129 4.62 -21.67 12.31
C ASP B 129 3.52 -21.35 11.30
N ILE B 130 3.20 -22.29 10.42
CA ILE B 130 2.17 -22.08 9.40
C ILE B 130 1.77 -23.39 8.70
N ALA B 131 0.53 -23.45 8.22
CA ALA B 131 0.04 -24.66 7.58
C ALA B 131 -1.30 -24.39 6.91
N LEU B 132 -1.47 -24.91 5.70
CA LEU B 132 -2.72 -24.72 4.95
C LEU B 132 -3.58 -25.96 4.99
N MET B 133 -4.88 -25.76 5.13
CA MET B 133 -5.82 -26.86 5.17
C MET B 133 -6.82 -26.68 4.03
N LYS B 134 -6.84 -27.65 3.13
CA LYS B 134 -7.76 -27.62 1.99
C LYS B 134 -9.01 -28.38 2.43
N LEU B 135 -10.17 -27.78 2.21
CA LEU B 135 -11.44 -28.40 2.60
C LEU B 135 -11.87 -29.37 1.50
N LYS B 136 -12.35 -30.55 1.89
CA LYS B 136 -12.78 -31.53 0.91
C LYS B 136 -13.77 -30.94 -0.08
N LYS B 137 -14.73 -30.16 0.44
CA LYS B 137 -15.76 -29.55 -0.39
C LYS B 137 -15.81 -28.05 -0.08
N PRO B 138 -15.79 -27.19 -1.12
CA PRO B 138 -15.82 -25.74 -0.88
C PRO B 138 -16.97 -25.30 0.04
N VAL B 139 -16.83 -24.12 0.61
CA VAL B 139 -17.81 -23.56 1.51
C VAL B 139 -18.54 -22.45 0.80
N ALA B 140 -19.77 -22.20 1.24
CA ALA B 140 -20.57 -21.14 0.65
C ALA B 140 -20.40 -19.89 1.50
N PHE B 141 -20.29 -18.75 0.84
CA PHE B 141 -20.14 -17.49 1.55
C PHE B 141 -21.49 -16.96 1.98
N SER B 142 -21.55 -16.42 3.19
CA SER B 142 -22.77 -15.88 3.74
C SER B 142 -22.37 -14.61 4.47
N ASP B 143 -23.34 -13.98 5.12
CA ASP B 143 -23.03 -12.76 5.84
C ASP B 143 -22.19 -13.14 7.06
N TYR B 144 -21.98 -14.44 7.22
CA TYR B 144 -21.23 -14.96 8.35
C TYR B 144 -19.91 -15.62 7.96
N ILE B 145 -19.91 -16.18 6.76
CA ILE B 145 -18.77 -16.86 6.23
C ILE B 145 -18.28 -16.10 5.02
N HIS B 146 -17.13 -15.47 5.16
CA HIS B 146 -16.53 -14.67 4.09
C HIS B 146 -15.01 -14.67 4.33
N PRO B 147 -14.21 -14.82 3.26
CA PRO B 147 -12.74 -14.86 3.32
C PRO B 147 -12.03 -13.53 3.58
N VAL B 148 -10.78 -13.61 4.06
CA VAL B 148 -9.97 -12.43 4.34
C VAL B 148 -8.84 -12.42 3.31
N CYS B 149 -8.26 -11.24 3.03
CA CYS B 149 -7.18 -11.13 2.05
C CYS B 149 -5.82 -11.43 2.64
N LEU B 150 -4.91 -11.88 1.79
CA LEU B 150 -3.54 -12.16 2.20
C LEU B 150 -2.77 -10.90 1.87
N PRO B 151 -1.73 -10.59 2.66
CA PRO B 151 -0.91 -9.39 2.43
C PRO B 151 0.00 -9.49 1.19
N ASP B 152 0.50 -8.33 0.78
CA ASP B 152 1.40 -8.24 -0.37
C ASP B 152 2.44 -7.18 -0.03
N ARG B 153 3.50 -7.06 -0.84
CA ARG B 153 4.54 -6.06 -0.60
C ARG B 153 3.98 -4.76 -0.06
N GLU B 154 3.13 -4.11 -0.85
CA GLU B 154 2.53 -2.85 -0.45
C GLU B 154 1.98 -2.92 0.96
N THR B 155 1.09 -3.87 1.20
CA THR B 155 0.48 -4.01 2.52
C THR B 155 1.50 -4.30 3.61
N ALA B 156 2.37 -5.28 3.37
CA ALA B 156 3.40 -5.66 4.34
C ALA B 156 4.25 -4.49 4.83
N ALA B 157 4.80 -3.71 3.89
CA ALA B 157 5.61 -2.57 4.27
C ALA B 157 4.74 -1.42 4.77
N SER B 158 3.57 -1.26 4.16
CA SER B 158 2.64 -0.19 4.51
C SER B 158 2.01 -0.25 5.91
N LEU B 159 1.52 -1.44 6.29
CA LEU B 159 0.84 -1.63 7.58
C LEU B 159 1.65 -2.26 8.71
N LEU B 160 2.50 -3.24 8.40
CA LEU B 160 3.26 -3.91 9.45
C LEU B 160 4.37 -3.08 10.07
N GLN B 161 3.99 -2.00 10.73
CA GLN B 161 4.92 -1.09 11.39
C GLN B 161 4.60 -0.92 12.89
N ALA B 162 5.64 -1.02 13.71
CA ALA B 162 5.52 -0.89 15.17
C ALA B 162 4.70 0.33 15.60
N GLY B 163 3.70 0.11 16.44
CA GLY B 163 2.85 1.20 16.88
C GLY B 163 1.45 1.02 16.33
N TYR B 164 1.38 0.58 15.08
CA TYR B 164 0.12 0.32 14.43
C TYR B 164 -0.49 -0.88 15.16
N LYS B 165 -1.81 -0.85 15.32
CA LYS B 165 -2.53 -1.92 15.99
C LYS B 165 -3.22 -2.80 14.96
N GLY B 166 -3.36 -4.08 15.30
CA GLY B 166 -4.02 -5.04 14.46
C GLY B 166 -5.04 -5.78 15.31
N ARG B 167 -5.89 -6.58 14.68
CA ARG B 167 -6.93 -7.31 15.40
C ARG B 167 -6.67 -8.81 15.50
N VAL B 168 -6.86 -9.33 16.72
CA VAL B 168 -6.67 -10.74 17.03
C VAL B 168 -7.99 -11.28 17.56
N THR B 169 -8.40 -12.47 17.12
CA THR B 169 -9.65 -13.05 17.58
C THR B 169 -9.65 -14.56 17.74
N GLY B 170 -10.49 -15.04 18.66
CA GLY B 170 -10.57 -16.45 18.92
C GLY B 170 -11.44 -16.74 20.12
N TRP B 171 -11.55 -18.03 20.44
CA TRP B 171 -12.35 -18.50 21.57
C TRP B 171 -11.40 -19.08 22.61
N GLY B 172 -10.16 -18.62 22.57
CA GLY B 172 -9.18 -19.13 23.50
C GLY B 172 -9.53 -18.85 24.94
N ASN B 173 -8.61 -19.21 25.84
CA ASN B 173 -8.82 -18.99 27.26
C ASN B 173 -8.72 -17.53 27.62
N LEU B 174 -9.56 -17.11 28.56
CA LEU B 174 -9.63 -15.73 29.01
C LEU B 174 -8.58 -15.37 30.08
N LYS B 175 -7.69 -16.32 30.38
CA LYS B 175 -6.62 -16.12 31.35
C LYS B 175 -5.59 -17.24 31.18
N GLU B 176 -4.67 -17.38 32.12
CA GLU B 176 -3.64 -18.42 32.05
C GLU B 176 -4.08 -19.63 32.88
N THR B 177 -4.05 -20.82 32.28
CA THR B 177 -4.46 -22.04 32.96
C THR B 177 -3.33 -22.72 33.75
N GLY B 185 -13.37 -19.66 32.36
CA GLY B 185 -12.33 -20.36 31.54
C GLY B 185 -12.34 -19.91 30.10
N GLN B 186 -13.34 -20.36 29.35
CA GLN B 186 -13.46 -19.98 27.96
C GLN B 186 -14.64 -19.03 27.83
N PRO B 187 -14.63 -18.22 26.77
CA PRO B 187 -15.72 -17.28 26.56
C PRO B 187 -16.93 -18.05 26.04
N SER B 188 -18.08 -17.40 26.01
CA SER B 188 -19.29 -18.03 25.52
C SER B 188 -19.49 -17.61 24.07
N VAL B 189 -18.86 -16.49 23.73
CA VAL B 189 -18.93 -15.89 22.40
C VAL B 189 -17.51 -15.57 21.90
N LEU B 190 -17.38 -15.33 20.59
CA LEU B 190 -16.06 -15.00 20.01
C LEU B 190 -15.50 -13.71 20.61
N GLN B 191 -14.20 -13.71 20.90
CA GLN B 191 -13.58 -12.55 21.49
C GLN B 191 -12.71 -11.77 20.50
N VAL B 192 -12.58 -10.47 20.76
CA VAL B 192 -11.83 -9.57 19.90
C VAL B 192 -10.90 -8.74 20.79
N VAL B 193 -9.77 -8.30 20.23
CA VAL B 193 -8.81 -7.46 20.96
C VAL B 193 -7.74 -6.89 20.05
N ASN B 194 -7.67 -5.56 19.96
CA ASN B 194 -6.68 -4.91 19.12
C ASN B 194 -5.38 -4.73 19.89
N LEU B 195 -4.28 -5.15 19.28
CA LEU B 195 -2.95 -5.06 19.89
C LEU B 195 -1.94 -4.32 19.01
N PRO B 196 -1.14 -3.43 19.61
CA PRO B 196 -0.13 -2.66 18.87
C PRO B 196 1.09 -3.51 18.53
N ILE B 197 1.58 -3.37 17.29
CA ILE B 197 2.74 -4.15 16.86
C ILE B 197 4.00 -3.60 17.51
N VAL B 198 4.77 -4.44 18.17
CA VAL B 198 5.98 -3.97 18.83
C VAL B 198 7.22 -4.02 17.94
N GLU B 199 8.15 -3.08 18.16
CA GLU B 199 9.37 -3.05 17.37
C GLU B 199 10.27 -4.23 17.76
N ARG B 200 10.83 -4.89 16.76
CA ARG B 200 11.68 -6.06 16.99
C ARG B 200 12.57 -6.00 18.22
N PRO B 201 13.50 -5.04 18.27
CA PRO B 201 14.38 -4.94 19.44
C PRO B 201 13.68 -5.40 20.72
N VAL B 202 12.51 -4.81 21.01
CA VAL B 202 11.78 -5.19 22.20
C VAL B 202 11.47 -6.69 22.17
N CYS B 203 10.86 -7.16 21.10
CA CYS B 203 10.52 -8.57 20.96
C CYS B 203 11.75 -9.47 21.12
N LYS B 204 12.89 -9.02 20.63
CA LYS B 204 14.11 -9.80 20.68
C LYS B 204 14.64 -10.06 22.08
N ASP B 205 14.69 -9.03 22.90
CA ASP B 205 15.23 -9.21 24.24
C ASP B 205 14.21 -9.19 25.36
N SER B 206 12.98 -9.60 25.06
CA SER B 206 11.92 -9.67 26.07
C SER B 206 11.63 -11.16 26.30
N THR B 207 12.42 -11.98 25.62
CA THR B 207 12.31 -13.42 25.73
C THR B 207 13.68 -14.00 25.41
N ARG B 208 14.05 -15.06 26.10
CA ARG B 208 15.35 -15.66 25.85
C ARG B 208 15.28 -16.69 24.71
N ILE B 209 14.14 -16.72 24.03
CA ILE B 209 13.96 -17.61 22.90
C ILE B 209 14.49 -16.85 21.70
N ARG B 210 14.79 -17.57 20.63
CA ARG B 210 15.34 -16.97 19.42
C ARG B 210 14.33 -16.44 18.40
N ILE B 211 14.12 -15.13 18.42
CA ILE B 211 13.19 -14.48 17.52
C ILE B 211 13.68 -14.51 16.06
N THR B 212 12.78 -14.82 15.13
CA THR B 212 13.12 -14.90 13.71
C THR B 212 12.44 -13.84 12.86
N ASP B 213 12.90 -13.68 11.61
CA ASP B 213 12.33 -12.71 10.69
C ASP B 213 10.98 -13.21 10.18
N ASN B 214 10.70 -14.48 10.40
CA ASN B 214 9.44 -15.07 9.97
C ASN B 214 8.34 -14.83 10.98
N MET B 215 8.65 -14.14 12.06
CA MET B 215 7.67 -13.86 13.09
C MET B 215 7.79 -12.42 13.54
N PHE B 216 6.77 -11.93 14.25
CA PHE B 216 6.77 -10.58 14.78
C PHE B 216 5.91 -10.58 16.02
N CYS B 217 6.02 -9.55 16.85
CA CYS B 217 5.23 -9.56 18.07
C CYS B 217 4.40 -8.30 18.31
N ALA B 218 3.27 -8.48 18.96
CA ALA B 218 2.37 -7.39 19.25
C ALA B 218 1.96 -7.44 20.70
N GLY B 219 1.55 -6.30 21.24
CA GLY B 219 1.14 -6.23 22.62
C GLY B 219 1.54 -4.91 23.23
N TYR B 220 0.89 -4.57 24.33
CA TYR B 220 1.17 -3.32 25.02
C TYR B 220 2.33 -3.53 25.98
N LYS B 221 3.17 -2.50 26.10
CA LYS B 221 4.31 -2.55 26.99
C LYS B 221 3.79 -2.36 28.43
N PRO B 222 4.65 -2.59 29.44
CA PRO B 222 4.28 -2.46 30.85
C PRO B 222 3.70 -1.10 31.28
N ASP B 223 4.36 -0.03 30.84
CA ASP B 223 3.95 1.33 31.19
C ASP B 223 2.64 1.79 30.56
N GLU B 224 2.33 1.24 29.38
CA GLU B 224 1.16 1.64 28.62
C GLU B 224 -0.21 1.59 29.31
N GLY B 225 -0.36 0.77 30.35
CA GLY B 225 -1.62 0.71 31.07
C GLY B 225 -2.65 -0.28 30.56
N LYS B 226 -2.84 -0.32 29.24
CA LYS B 226 -3.79 -1.26 28.65
C LYS B 226 -3.14 -2.63 28.62
N ARG B 227 -3.94 -3.68 28.68
CA ARG B 227 -3.40 -5.05 28.63
C ARG B 227 -3.89 -5.77 27.37
N GLY B 228 -4.00 -7.08 27.42
CA GLY B 228 -4.47 -7.79 26.25
C GLY B 228 -3.41 -8.66 25.60
N ASP B 229 -3.82 -9.88 25.26
CA ASP B 229 -2.92 -10.83 24.65
C ASP B 229 -3.73 -12.01 24.15
N ALA B 230 -3.10 -12.85 23.33
CA ALA B 230 -3.75 -14.02 22.81
C ALA B 230 -3.40 -15.11 23.79
N CYS B 231 -4.32 -16.04 24.03
CA CYS B 231 -4.04 -17.09 24.97
C CYS B 231 -4.45 -18.43 24.42
N GLU B 232 -3.98 -19.50 25.03
CA GLU B 232 -4.29 -20.85 24.58
C GLU B 232 -5.68 -20.96 23.94
N GLY B 233 -5.73 -21.61 22.79
CA GLY B 233 -6.99 -21.81 22.09
C GLY B 233 -7.13 -20.87 20.91
N ASP B 234 -6.35 -19.79 20.93
CA ASP B 234 -6.38 -18.80 19.88
C ASP B 234 -5.32 -19.05 18.82
N SER B 235 -4.39 -19.94 19.12
CA SER B 235 -3.33 -20.28 18.19
C SER B 235 -3.92 -20.64 16.83
N GLY B 236 -3.33 -20.11 15.77
CA GLY B 236 -3.82 -20.40 14.43
C GLY B 236 -4.84 -19.38 13.98
N GLY B 237 -5.38 -18.64 14.93
CA GLY B 237 -6.35 -17.60 14.64
C GLY B 237 -5.63 -16.52 13.86
N PRO B 238 -6.35 -15.54 13.33
CA PRO B 238 -5.68 -14.50 12.56
C PRO B 238 -5.40 -13.19 13.25
N PHE B 239 -4.37 -12.51 12.75
CA PHE B 239 -4.04 -11.17 13.22
C PHE B 239 -4.22 -10.37 11.93
N VAL B 240 -5.28 -9.57 11.88
CA VAL B 240 -5.61 -8.79 10.69
C VAL B 240 -5.50 -7.30 10.91
N MET B 241 -5.33 -6.57 9.81
CA MET B 241 -5.26 -5.11 9.88
C MET B 241 -6.15 -4.54 8.79
N LYS B 242 -6.64 -3.32 8.99
CA LYS B 242 -7.52 -2.69 8.00
C LYS B 242 -6.76 -1.67 7.15
N SER B 243 -6.71 -1.92 5.85
CA SER B 243 -6.02 -1.01 4.95
C SER B 243 -6.75 0.32 4.91
N PRO B 244 -6.02 1.41 5.09
CA PRO B 244 -6.66 2.72 5.06
C PRO B 244 -6.90 3.21 3.65
N PHE B 245 -6.48 2.44 2.65
CA PHE B 245 -6.62 2.84 1.26
C PHE B 245 -7.83 2.17 0.60
N ASN B 246 -7.86 0.85 0.69
CA ASN B 246 -8.95 0.02 0.15
C ASN B 246 -9.44 -0.74 1.37
N ASN B 247 -10.21 -0.06 2.21
CA ASN B 247 -10.65 -0.62 3.49
C ASN B 247 -10.99 -2.12 3.57
N ARG B 248 -10.01 -2.94 3.22
CA ARG B 248 -10.13 -4.39 3.22
C ARG B 248 -9.26 -4.89 4.36
N TRP B 249 -9.59 -6.06 4.90
CA TRP B 249 -8.81 -6.62 5.98
C TRP B 249 -7.79 -7.59 5.44
N TYR B 250 -6.54 -7.40 5.85
CA TYR B 250 -5.44 -8.27 5.44
C TYR B 250 -4.91 -9.00 6.69
N GLN B 251 -4.64 -10.30 6.54
CA GLN B 251 -4.11 -11.07 7.64
C GLN B 251 -2.58 -10.97 7.67
N MET B 252 -2.08 -10.02 8.43
CA MET B 252 -0.65 -9.82 8.55
C MET B 252 -0.02 -10.98 9.32
N GLY B 253 -0.77 -11.58 10.23
CA GLY B 253 -0.21 -12.67 11.01
C GLY B 253 -1.13 -13.80 11.45
N ILE B 254 -0.50 -14.83 12.03
CA ILE B 254 -1.17 -16.01 12.55
C ILE B 254 -0.71 -16.08 14.01
N VAL B 255 -1.64 -16.38 14.91
CA VAL B 255 -1.29 -16.47 16.31
C VAL B 255 -0.39 -17.69 16.49
N SER B 256 0.87 -17.44 16.83
CA SER B 256 1.84 -18.52 16.97
C SER B 256 2.14 -18.96 18.42
N TRP B 257 2.95 -18.19 19.13
CA TRP B 257 3.30 -18.55 20.51
C TRP B 257 3.51 -17.36 21.42
N GLY B 258 3.90 -17.68 22.66
CA GLY B 258 4.15 -16.67 23.66
C GLY B 258 4.57 -17.43 24.90
N GLU B 259 5.10 -16.72 25.89
CA GLU B 259 5.55 -17.42 27.10
C GLU B 259 4.53 -17.34 28.24
N GLY B 260 3.26 -17.35 27.88
CA GLY B 260 2.20 -17.27 28.85
C GLY B 260 1.05 -16.50 28.25
N CYS B 261 0.44 -15.63 29.03
CA CYS B 261 -0.67 -14.82 28.56
C CYS B 261 -0.77 -13.56 29.37
N ASP B 262 -0.81 -12.42 28.69
CA ASP B 262 -0.95 -11.15 29.38
C ASP B 262 -0.01 -11.03 30.58
N ARG B 263 1.29 -11.09 30.30
CA ARG B 263 2.32 -10.98 31.34
C ARG B 263 3.02 -9.63 31.13
N ASP B 264 3.29 -8.92 32.23
CA ASP B 264 3.95 -7.63 32.13
C ASP B 264 5.37 -7.84 31.61
N GLY B 265 5.71 -7.12 30.55
CA GLY B 265 7.03 -7.26 29.97
C GLY B 265 7.03 -8.30 28.85
N LYS B 266 5.94 -9.04 28.73
CA LYS B 266 5.79 -10.08 27.71
C LYS B 266 4.90 -9.68 26.52
N TYR B 267 5.18 -10.30 25.37
CA TYR B 267 4.46 -10.01 24.15
C TYR B 267 4.14 -11.31 23.41
N GLY B 268 3.09 -11.28 22.59
CA GLY B 268 2.72 -12.44 21.83
C GLY B 268 3.48 -12.47 20.52
N PHE B 269 3.75 -13.65 19.97
CA PHE B 269 4.49 -13.75 18.72
C PHE B 269 3.72 -14.36 17.57
N TYR B 270 3.51 -13.56 16.54
CA TYR B 270 2.76 -14.00 15.39
C TYR B 270 3.65 -14.40 14.21
N THR B 271 3.12 -15.26 13.36
CA THR B 271 3.84 -15.73 12.17
C THR B 271 3.72 -14.68 11.06
N HIS B 272 4.88 -14.19 10.61
CA HIS B 272 4.93 -13.18 9.56
C HIS B 272 4.38 -13.80 8.29
N VAL B 273 3.09 -13.60 8.07
CA VAL B 273 2.44 -14.18 6.91
C VAL B 273 3.06 -13.83 5.58
N PHE B 274 3.20 -12.55 5.29
CA PHE B 274 3.77 -12.15 4.02
C PHE B 274 5.07 -12.89 3.76
N ARG B 275 6.00 -12.76 4.71
CA ARG B 275 7.28 -13.41 4.59
C ARG B 275 7.19 -14.88 4.18
N LEU B 276 6.00 -15.46 4.24
CA LEU B 276 5.83 -16.85 3.86
C LEU B 276 4.79 -17.03 2.76
N LYS B 277 4.37 -15.92 2.15
CA LYS B 277 3.37 -15.97 1.10
C LYS B 277 3.77 -16.82 -0.10
N LYS B 278 5.05 -16.73 -0.49
CA LYS B 278 5.54 -17.52 -1.62
C LYS B 278 5.14 -18.97 -1.38
N TRP B 279 5.48 -19.49 -0.21
CA TRP B 279 5.12 -20.86 0.13
C TRP B 279 3.64 -21.03 -0.17
N ILE B 280 2.81 -20.21 0.46
CA ILE B 280 1.37 -20.30 0.25
C ILE B 280 0.98 -20.38 -1.22
N GLN B 281 1.37 -19.39 -2.01
CA GLN B 281 1.01 -19.42 -3.42
C GLN B 281 1.43 -20.72 -4.05
N LYS B 282 2.65 -21.14 -3.77
CA LYS B 282 3.16 -22.38 -4.33
C LYS B 282 2.29 -23.59 -4.05
N VAL B 283 1.91 -23.81 -2.79
CA VAL B 283 1.09 -24.98 -2.51
C VAL B 283 -0.33 -24.83 -3.06
N ILE B 284 -0.85 -23.61 -3.10
CA ILE B 284 -2.20 -23.42 -3.61
C ILE B 284 -2.25 -23.51 -5.13
N ASP B 285 -1.17 -23.08 -5.78
CA ASP B 285 -1.09 -23.12 -7.25
C ASP B 285 -0.78 -24.55 -7.68
N GLN B 286 0.01 -25.25 -6.87
CA GLN B 286 0.40 -26.63 -7.16
C GLN B 286 -0.77 -27.60 -7.13
N PHE B 287 -1.99 -27.09 -6.94
CA PHE B 287 -3.20 -27.94 -6.88
C PHE B 287 -4.43 -27.29 -7.50
#